data_6JF6
#
_entry.id   6JF6
#
_cell.length_a   71.370
_cell.length_b   39.347
_cell.length_c   110.353
_cell.angle_alpha   90.000
_cell.angle_beta   89.980
_cell.angle_gamma   90.000
#
_symmetry.space_group_name_H-M   'P 1 21 1'
#
loop_
_entity.id
_entity.type
_entity.pdbx_description
1 polymer 'Peptide deformylase'
2 polymer MET-ALA-SER
3 non-polymer 'ZINC ION'
4 water water
#
loop_
_entity_poly.entity_id
_entity_poly.type
_entity_poly.pdbx_seq_one_letter_code
_entity_poly.pdbx_strand_id
1 'polypeptide(L)'
;MSVVLPVAKRGEDILKLIAAPVSANELNSNWLYQLADAMHATMLERNGVGIAAPQVYISKRVIIVASRPNPRYPDAPEMN
AVVMVNPEILEFSSEMCLGEEGCLSVPDERGQVERAEMVKVKYLTLQGEMVETVFQGFPARIVQHEVDHLNGILFVERIS
;
A,B,C,D
2 'polypeptide(L)' MAS E
#
loop_
_chem_comp.id
_chem_comp.type
_chem_comp.name
_chem_comp.formula
ZN non-polymer 'ZINC ION' 'Zn 2'
#
# COMPACT_ATOMS: atom_id res chain seq x y z
N MET A 1 -11.20 26.87 4.35
CA MET A 1 -12.20 25.93 4.97
C MET A 1 -11.57 25.15 6.13
N SER A 2 -10.43 24.51 5.87
CA SER A 2 -9.81 23.57 6.82
C SER A 2 -8.75 24.22 7.69
N VAL A 3 -8.36 23.49 8.73
CA VAL A 3 -7.57 24.00 9.83
C VAL A 3 -6.37 23.11 10.16
N VAL A 4 -5.23 23.76 10.32
CA VAL A 4 -3.99 23.11 10.71
C VAL A 4 -3.80 23.25 12.24
N LEU A 5 -3.91 22.12 12.93
CA LEU A 5 -3.88 22.01 14.36
C LEU A 5 -2.45 21.88 14.91
N PRO A 6 -2.23 22.36 16.13
CA PRO A 6 -0.94 22.18 16.82
C PRO A 6 -0.75 20.72 17.22
N VAL A 7 0.52 20.31 17.27
CA VAL A 7 0.89 18.93 17.39
C VAL A 7 1.83 18.74 18.57
N ALA A 8 1.59 17.66 19.31
CA ALA A 8 2.28 17.40 20.56
C ALA A 8 3.58 16.75 20.20
N LYS A 9 4.52 16.76 21.14
CA LYS A 9 5.87 16.27 20.92
C LYS A 9 6.25 15.29 22.02
N ARG A 10 7.10 14.35 21.66
CA ARG A 10 7.75 13.50 22.66
C ARG A 10 8.07 14.24 23.96
N GLY A 11 7.72 13.64 25.09
CA GLY A 11 7.84 14.27 26.40
C GLY A 11 6.50 14.76 26.93
N GLU A 12 5.60 15.17 26.04
CA GLU A 12 4.25 15.66 26.45
C GLU A 12 3.33 14.48 26.78
N ASP A 13 2.74 14.52 27.96
CA ASP A 13 2.12 13.32 28.56
C ASP A 13 0.82 12.84 27.92
N ILE A 14 0.23 13.70 27.09
CA ILE A 14 -0.89 13.28 26.27
C ILE A 14 -0.58 12.15 25.30
N LEU A 15 0.68 12.06 24.87
CA LEU A 15 1.09 11.01 23.95
C LEU A 15 1.22 9.65 24.62
N LYS A 16 1.15 9.61 25.96
CA LYS A 16 1.39 8.41 26.74
C LYS A 16 0.13 7.69 27.18
N LEU A 17 -1.05 8.25 26.85
CA LEU A 17 -2.30 7.72 27.34
C LEU A 17 -2.88 6.69 26.41
N ILE A 18 -3.81 5.91 26.94
CA ILE A 18 -4.74 5.10 26.16
C ILE A 18 -5.92 5.97 25.72
N ALA A 19 -6.02 6.22 24.43
CA ALA A 19 -7.13 7.04 23.90
C ALA A 19 -8.48 6.38 24.12
N ALA A 20 -9.50 7.20 24.38
CA ALA A 20 -10.84 6.67 24.64
C ALA A 20 -11.55 6.35 23.34
N PRO A 21 -12.31 5.24 23.32
CA PRO A 21 -13.16 4.97 22.16
C PRO A 21 -14.17 6.07 21.86
N VAL A 22 -14.31 6.35 20.58
CA VAL A 22 -15.44 7.16 20.05
C VAL A 22 -16.75 6.42 20.35
N SER A 23 -17.65 7.06 21.08
CA SER A 23 -18.92 6.48 21.45
C SER A 23 -19.90 6.54 20.29
N ALA A 24 -20.96 5.78 20.47
CA ALA A 24 -22.00 5.59 19.48
C ALA A 24 -22.64 6.91 19.01
N ASN A 25 -22.92 7.83 19.93
CA ASN A 25 -23.61 9.10 19.59
C ASN A 25 -22.71 10.04 18.78
N GLU A 26 -21.41 9.96 19.00
CA GLU A 26 -20.46 10.71 18.17
C GLU A 26 -20.39 10.20 16.73
N LEU A 27 -20.87 8.98 16.49
CA LEU A 27 -20.76 8.43 15.12
C LEU A 27 -21.69 9.22 14.22
N ASN A 28 -21.25 9.46 13.00
CA ASN A 28 -22.02 10.28 12.03
C ASN A 28 -22.42 11.65 12.58
N SER A 29 -21.63 12.20 13.50
CA SER A 29 -21.84 13.53 14.02
C SER A 29 -20.95 14.52 13.25
N ASN A 30 -21.43 15.76 13.07
CA ASN A 30 -20.58 16.81 12.49
C ASN A 30 -19.31 17.06 13.34
N TRP A 31 -19.42 16.96 14.67
CA TRP A 31 -18.23 16.87 15.58
C TRP A 31 -17.13 16.00 14.97
N LEU A 32 -17.50 14.76 14.70
CA LEU A 32 -16.56 13.75 14.28
C LEU A 32 -16.00 14.04 12.92
N TYR A 33 -16.89 14.42 11.98
CA TYR A 33 -16.48 14.84 10.60
C TYR A 33 -15.48 15.99 10.64
N GLN A 34 -15.75 16.94 11.52
CA GLN A 34 -14.89 18.10 11.69
C GLN A 34 -13.56 17.74 12.33
N LEU A 35 -13.56 16.74 13.22
CA LEU A 35 -12.31 16.30 13.88
C LEU A 35 -11.42 15.68 12.81
N ALA A 36 -12.03 14.84 12.01
CA ALA A 36 -11.37 14.17 10.91
C ALA A 36 -10.86 15.15 9.88
N ASP A 37 -11.65 16.16 9.54
CA ASP A 37 -11.20 17.16 8.59
C ASP A 37 -9.97 17.90 9.09
N ALA A 38 -10.01 18.35 10.33
CA ALA A 38 -8.86 19.06 10.94
C ALA A 38 -7.62 18.19 11.02
N MET A 39 -7.79 16.91 11.37
CA MET A 39 -6.69 15.97 11.47
C MET A 39 -6.05 15.72 10.10
N HIS A 40 -6.88 15.55 9.09
CA HIS A 40 -6.43 15.34 7.73
C HIS A 40 -5.67 16.57 7.20
N ALA A 41 -6.22 17.78 7.38
CA ALA A 41 -5.50 19.00 6.91
C ALA A 41 -4.17 19.16 7.63
N THR A 42 -4.13 18.80 8.91
CA THR A 42 -2.92 18.92 9.70
C THR A 42 -1.85 18.01 9.13
N MET A 43 -2.22 16.77 8.84
CA MET A 43 -1.29 15.75 8.33
C MET A 43 -0.67 16.19 7.01
N LEU A 44 -1.52 16.58 6.06
CA LEU A 44 -1.11 16.99 4.72
C LEU A 44 -0.18 18.19 4.74
N GLU A 45 -0.55 19.20 5.51
CA GLU A 45 0.24 20.42 5.64
C GLU A 45 1.64 20.14 6.21
N ARG A 46 1.78 19.05 6.98
CA ARG A 46 3.08 18.66 7.50
C ARG A 46 3.75 17.45 6.82
N ASN A 47 3.32 17.10 5.61
CA ASN A 47 3.89 15.95 4.89
C ASN A 47 3.90 14.68 5.73
N GLY A 48 2.77 14.45 6.37
CA GLY A 48 2.57 13.23 7.14
C GLY A 48 1.98 12.16 6.27
N VAL A 49 2.34 10.93 6.53
CA VAL A 49 1.70 9.80 5.84
C VAL A 49 0.63 9.16 6.71
N GLY A 50 0.67 9.43 8.01
CA GLY A 50 -0.40 9.04 8.91
C GLY A 50 -0.57 10.08 9.99
N ILE A 51 -1.66 9.95 10.75
CA ILE A 51 -1.92 10.78 11.91
C ILE A 51 -2.91 10.13 12.86
N ALA A 52 -2.79 10.47 14.14
CA ALA A 52 -3.60 9.90 15.23
C ALA A 52 -4.10 11.03 16.07
N ALA A 53 -5.34 10.92 16.54
CA ALA A 53 -5.98 12.03 17.29
C ALA A 53 -5.12 12.56 18.44
N PRO A 54 -4.58 11.67 19.30
CA PRO A 54 -3.71 12.15 20.39
C PRO A 54 -2.58 13.11 20.00
N GLN A 55 -2.15 13.13 18.75
CA GLN A 55 -1.07 14.00 18.35
C GLN A 55 -1.54 15.46 18.32
N VAL A 56 -2.84 15.66 18.12
CA VAL A 56 -3.43 16.98 18.02
C VAL A 56 -4.24 17.25 19.29
N TYR A 57 -3.82 16.64 20.39
CA TYR A 57 -4.44 16.76 21.69
C TYR A 57 -5.83 16.17 21.87
N ILE A 58 -6.28 15.32 20.93
CA ILE A 58 -7.62 14.77 21.05
C ILE A 58 -7.43 13.33 21.51
N SER A 59 -7.84 12.98 22.72
CA SER A 59 -7.52 11.66 23.26
C SER A 59 -8.63 10.64 22.90
N LYS A 60 -8.84 10.46 21.61
CA LYS A 60 -9.83 9.60 21.06
C LYS A 60 -9.21 8.69 19.96
N ARG A 61 -9.79 7.50 19.83
CA ARG A 61 -9.32 6.47 18.92
C ARG A 61 -9.77 6.77 17.47
N VAL A 62 -9.11 7.77 16.87
CA VAL A 62 -9.28 8.11 15.47
C VAL A 62 -7.89 8.25 14.83
N ILE A 63 -7.64 7.52 13.74
CA ILE A 63 -6.39 7.63 12.99
C ILE A 63 -6.67 7.80 11.52
N ILE A 64 -5.73 8.44 10.82
CA ILE A 64 -5.78 8.47 9.36
C ILE A 64 -4.54 7.77 8.85
N VAL A 65 -4.74 6.95 7.82
CA VAL A 65 -3.65 6.20 7.16
C VAL A 65 -3.62 6.65 5.70
N ALA A 66 -2.51 7.28 5.31
CA ALA A 66 -2.43 8.01 4.01
C ALA A 66 -1.07 7.92 3.36
N SER A 67 -0.62 6.71 3.09
CA SER A 67 0.65 6.54 2.40
C SER A 67 0.69 7.30 1.06
N ARG A 68 1.86 7.88 0.77
CA ARG A 68 2.06 8.87 -0.29
C ARG A 68 3.56 9.18 -0.41
N PRO A 69 4.10 9.30 -1.65
CA PRO A 69 5.43 9.90 -1.77
C PRO A 69 5.42 11.42 -1.46
N ASN A 70 6.26 11.86 -0.52
CA ASN A 70 6.40 13.28 -0.16
C ASN A 70 7.84 13.55 0.35
N PRO A 71 8.19 14.82 0.68
CA PRO A 71 9.57 15.07 1.15
C PRO A 71 9.99 14.32 2.42
N ARG A 72 9.09 14.15 3.41
CA ARG A 72 9.40 13.30 4.59
C ARG A 72 9.59 11.80 4.20
N TYR A 73 8.84 11.32 3.21
CA TYR A 73 8.92 9.91 2.75
C TYR A 73 8.99 9.79 1.22
N PRO A 74 10.18 10.00 0.63
CA PRO A 74 10.29 10.15 -0.84
C PRO A 74 9.89 8.90 -1.68
N ASP A 75 10.06 7.71 -1.14
CA ASP A 75 9.76 6.47 -1.89
C ASP A 75 8.54 5.70 -1.40
N ALA A 76 7.57 6.40 -0.82
CA ALA A 76 6.41 5.77 -0.22
C ALA A 76 5.34 5.52 -1.27
N PRO A 77 4.68 4.34 -1.23
CA PRO A 77 3.59 4.00 -2.13
C PRO A 77 2.30 4.75 -1.85
N GLU A 78 1.52 5.05 -2.88
CA GLU A 78 0.40 5.95 -2.76
C GLU A 78 -0.89 5.18 -2.60
N MET A 79 -1.70 5.56 -1.61
CA MET A 79 -2.98 4.92 -1.35
C MET A 79 -4.05 6.01 -1.27
N ASN A 80 -5.32 5.63 -1.38
CA ASN A 80 -6.37 6.56 -0.96
C ASN A 80 -6.29 6.64 0.56
N ALA A 81 -6.27 7.86 1.09
CA ALA A 81 -6.31 8.09 2.53
C ALA A 81 -7.54 7.39 3.13
N VAL A 82 -7.37 6.72 4.28
CA VAL A 82 -8.47 6.05 4.97
C VAL A 82 -8.52 6.49 6.45
N VAL A 83 -9.67 7.00 6.83
CA VAL A 83 -9.94 7.46 8.20
C VAL A 83 -10.55 6.24 8.91
N MET A 84 -9.96 5.86 10.04
CA MET A 84 -10.45 4.75 10.86
C MET A 84 -10.91 5.26 12.24
N VAL A 85 -12.10 4.86 12.67
CA VAL A 85 -12.66 5.20 13.96
C VAL A 85 -12.64 3.89 14.74
N ASN A 86 -12.10 3.95 15.96
CA ASN A 86 -11.85 2.77 16.80
C ASN A 86 -11.18 1.58 16.07
N PRO A 87 -10.04 1.83 15.43
CA PRO A 87 -9.32 0.73 14.77
C PRO A 87 -8.93 -0.37 15.77
N GLU A 88 -8.99 -1.61 15.31
CA GLU A 88 -8.61 -2.82 16.08
C GLU A 88 -7.90 -3.80 15.12
N ILE A 89 -6.67 -4.13 15.45
CA ILE A 89 -5.86 -5.03 14.67
C ILE A 89 -6.16 -6.40 15.23
N LEU A 90 -6.87 -7.21 14.46
CA LEU A 90 -7.25 -8.56 14.84
C LEU A 90 -6.16 -9.58 14.50
N GLU A 91 -5.20 -9.21 13.65
CA GLU A 91 -4.19 -10.15 13.16
C GLU A 91 -2.95 -9.42 12.65
N PHE A 92 -1.82 -9.74 13.28
CA PHE A 92 -0.50 -9.30 12.94
C PHE A 92 0.11 -10.53 12.34
N SER A 93 0.85 -10.42 11.24
CA SER A 93 1.60 -11.60 10.67
C SER A 93 2.86 -11.87 11.52
N SER A 94 3.48 -13.05 11.33
CA SER A 94 4.79 -13.38 11.98
C SER A 94 5.93 -12.83 11.17
N GLU A 95 5.73 -12.79 9.86
CA GLU A 95 6.60 -12.06 8.92
C GLU A 95 6.77 -10.63 9.40
N MET A 96 8.00 -10.25 9.66
CA MET A 96 8.35 -8.92 10.08
C MET A 96 9.13 -8.27 8.97
N CYS A 97 8.85 -6.99 8.70
CA CYS A 97 9.69 -6.14 7.84
C CYS A 97 10.33 -5.06 8.72
N LEU A 98 11.52 -4.59 8.34
CA LEU A 98 12.19 -3.53 9.09
C LEU A 98 12.26 -2.27 8.20
N GLY A 99 11.77 -1.14 8.71
CA GLY A 99 11.80 0.12 7.94
C GLY A 99 12.21 1.30 8.81
N GLU A 100 12.57 2.42 8.18
CA GLU A 100 12.81 3.66 8.88
C GLU A 100 11.47 4.37 9.13
N GLU A 101 11.29 4.93 10.32
CA GLU A 101 10.06 5.63 10.70
C GLU A 101 10.32 7.02 11.27
N GLY A 102 9.29 7.87 11.20
CA GLY A 102 9.27 9.18 11.85
C GLY A 102 7.85 9.57 12.22
N CYS A 103 7.71 10.29 13.34
CA CYS A 103 6.42 10.85 13.78
C CYS A 103 6.58 12.35 13.74
N LEU A 104 5.51 13.05 13.37
CA LEU A 104 5.45 14.51 13.54
C LEU A 104 5.65 14.92 15.02
N SER A 105 5.37 13.96 15.92
CA SER A 105 5.60 14.15 17.35
C SER A 105 7.02 13.88 17.84
N VAL A 106 7.89 13.32 17.01
CA VAL A 106 9.29 13.08 17.40
C VAL A 106 10.26 13.79 16.43
N PRO A 107 10.38 15.13 16.51
CA PRO A 107 11.20 15.91 15.57
C PRO A 107 12.71 15.68 15.66
N ASP A 108 13.34 15.75 14.48
CA ASP A 108 14.72 15.28 14.20
C ASP A 108 15.15 14.06 15.02
N GLU A 109 14.43 12.95 14.77
CA GLU A 109 14.94 11.63 15.08
C GLU A 109 14.11 10.58 14.32
N ARG A 110 14.65 10.14 13.19
CA ARG A 110 14.10 9.00 12.47
C ARG A 110 14.79 7.75 13.07
N GLY A 111 14.31 6.55 12.74
CA GLY A 111 14.86 5.29 13.31
C GLY A 111 14.29 4.00 12.72
N GLN A 112 14.97 2.88 12.97
CA GLN A 112 14.63 1.59 12.34
C GLN A 112 13.69 0.76 13.25
N VAL A 113 12.50 0.42 12.75
CA VAL A 113 11.49 -0.32 13.53
C VAL A 113 11.14 -1.66 12.89
N GLU A 114 11.00 -2.69 13.74
CA GLU A 114 10.48 -4.00 13.29
C GLU A 114 8.94 -3.98 13.37
N ARG A 115 8.26 -4.23 12.25
CA ARG A 115 6.79 -4.19 12.16
C ARG A 115 6.30 -5.44 11.47
N ALA A 116 5.06 -5.84 11.74
CA ALA A 116 4.49 -6.95 11.03
C ALA A 116 4.28 -6.54 9.58
N GLU A 117 4.59 -7.45 8.66
CA GLU A 117 4.48 -7.17 7.22
C GLU A 117 3.00 -7.04 6.79
N MET A 118 2.14 -7.89 7.35
CA MET A 118 0.71 -7.84 7.11
C MET A 118 -0.02 -7.48 8.41
N VAL A 119 -1.02 -6.61 8.30
CA VAL A 119 -2.03 -6.49 9.38
C VAL A 119 -3.44 -6.46 8.82
N LYS A 120 -4.32 -7.10 9.56
CA LYS A 120 -5.73 -7.08 9.28
C LYS A 120 -6.39 -6.21 10.35
N VAL A 121 -7.15 -5.20 9.92
CA VAL A 121 -7.77 -4.22 10.81
C VAL A 121 -9.26 -4.14 10.63
N LYS A 122 -9.96 -3.97 11.74
CA LYS A 122 -11.40 -3.75 11.76
C LYS A 122 -11.56 -2.37 12.34
N TYR A 123 -12.35 -1.56 11.66
CA TYR A 123 -12.54 -0.20 12.10
C TYR A 123 -13.95 0.22 11.74
N LEU A 124 -14.33 1.41 12.19
CA LEU A 124 -15.60 2.02 11.85
C LEU A 124 -15.31 3.26 10.96
N THR A 125 -16.07 3.41 9.87
CA THR A 125 -16.01 4.62 9.08
C THR A 125 -16.54 5.75 9.95
N LEU A 126 -16.35 6.99 9.47
CA LEU A 126 -16.89 8.17 10.13
C LEU A 126 -18.42 8.15 10.29
N GLN A 127 -19.13 7.56 9.33
CA GLN A 127 -20.59 7.34 9.41
C GLN A 127 -20.89 6.33 10.49
N GLY A 128 -20.00 5.37 10.70
CA GLY A 128 -20.18 4.29 11.70
C GLY A 128 -20.25 2.85 11.19
N GLU A 129 -19.93 2.64 9.91
CA GLU A 129 -19.98 1.33 9.28
C GLU A 129 -18.71 0.59 9.53
N MET A 130 -18.86 -0.68 9.90
CA MET A 130 -17.73 -1.55 10.19
C MET A 130 -17.08 -2.02 8.87
N VAL A 131 -15.75 -1.98 8.82
CA VAL A 131 -14.94 -2.41 7.66
C VAL A 131 -13.77 -3.20 8.18
N GLU A 132 -13.33 -4.17 7.37
CA GLU A 132 -12.14 -4.99 7.63
C GLU A 132 -11.24 -4.93 6.39
N THR A 133 -9.97 -4.56 6.59
CA THR A 133 -9.03 -4.42 5.52
C THR A 133 -7.68 -4.99 5.94
N VAL A 134 -7.03 -5.71 4.98
CA VAL A 134 -5.67 -6.20 5.15
C VAL A 134 -4.71 -5.21 4.47
N PHE A 135 -3.63 -4.91 5.18
CA PHE A 135 -2.62 -4.02 4.67
C PHE A 135 -1.33 -4.80 4.69
N GLN A 136 -0.44 -4.44 3.78
CA GLN A 136 0.86 -5.06 3.66
C GLN A 136 1.89 -3.90 3.60
N GLY A 137 3.13 -4.20 4.01
CA GLY A 137 4.25 -3.33 3.70
C GLY A 137 4.18 -2.03 4.47
N PHE A 138 4.53 -0.93 3.80
CA PHE A 138 4.56 0.37 4.43
C PHE A 138 3.19 0.87 4.93
N PRO A 139 2.11 0.66 4.16
CA PRO A 139 0.81 0.98 4.77
C PRO A 139 0.51 0.17 6.02
N ALA A 140 0.96 -1.08 6.08
CA ALA A 140 0.80 -1.86 7.32
C ALA A 140 1.67 -1.28 8.46
N ARG A 141 2.79 -0.63 8.13
CA ARG A 141 3.59 0.06 9.17
C ARG A 141 2.90 1.33 9.72
N ILE A 142 2.22 2.08 8.85
CA ILE A 142 1.52 3.28 9.29
C ILE A 142 0.36 2.88 10.21
N VAL A 143 -0.48 1.96 9.75
CA VAL A 143 -1.48 1.36 10.65
C VAL A 143 -0.90 1.01 12.05
N GLN A 144 0.17 0.23 12.11
CA GLN A 144 0.73 -0.17 13.44
C GLN A 144 1.29 0.99 14.28
N HIS A 145 1.89 1.96 13.59
CA HIS A 145 2.42 3.18 14.20
C HIS A 145 1.35 4.06 14.83
N GLU A 146 0.27 4.31 14.06
CA GLU A 146 -0.84 5.13 14.53
C GLU A 146 -1.60 4.46 15.66
N VAL A 147 -1.96 3.18 15.55
CA VAL A 147 -2.61 2.46 16.67
C VAL A 147 -1.69 2.56 17.92
N ASP A 148 -0.38 2.34 17.75
CA ASP A 148 0.60 2.64 18.85
C ASP A 148 0.37 4.00 19.54
N HIS A 149 0.15 5.06 18.76
CA HIS A 149 -0.25 6.37 19.32
C HIS A 149 -1.53 6.36 20.16
N LEU A 150 -2.54 5.62 19.70
CA LEU A 150 -3.79 5.45 20.44
C LEU A 150 -3.61 4.71 21.77
N ASN A 151 -2.57 3.88 21.89
CA ASN A 151 -2.23 3.19 23.16
C ASN A 151 -0.99 3.74 23.93
N GLY A 152 -0.49 4.91 23.54
CA GLY A 152 0.47 5.66 24.36
C GLY A 152 1.90 5.24 24.13
N ILE A 153 2.17 4.85 22.89
CA ILE A 153 3.46 4.31 22.47
C ILE A 153 3.96 5.15 21.30
N LEU A 154 5.15 5.73 21.47
CA LEU A 154 5.91 6.33 20.35
C LEU A 154 6.91 5.35 19.74
N PHE A 155 7.17 5.46 18.44
CA PHE A 155 8.00 4.50 17.69
C PHE A 155 9.44 4.31 18.22
N VAL A 156 9.98 5.33 18.86
CA VAL A 156 11.29 5.24 19.58
C VAL A 156 11.32 4.17 20.66
N GLU A 157 10.18 3.87 21.27
CA GLU A 157 10.06 2.77 22.25
C GLU A 157 10.13 1.38 21.65
N ARG A 158 10.10 1.26 20.31
CA ARG A 158 10.14 -0.01 19.59
C ARG A 158 11.44 -0.35 18.79
N ILE A 159 12.58 0.26 19.11
CA ILE A 159 13.89 -0.16 18.55
C ILE A 159 14.36 -1.50 19.13
N MET B 1 -26.51 17.03 14.16
CA MET B 1 -25.78 18.17 14.81
C MET B 1 -25.68 18.02 16.34
N SER B 2 -26.69 17.39 16.96
CA SER B 2 -26.73 17.17 18.42
C SER B 2 -25.79 16.06 18.87
N VAL B 3 -24.82 16.39 19.74
CA VAL B 3 -23.88 15.41 20.28
C VAL B 3 -23.53 15.64 21.74
N VAL B 4 -23.60 14.57 22.51
CA VAL B 4 -23.24 14.53 23.90
C VAL B 4 -21.94 13.72 24.00
N LEU B 5 -20.87 14.36 24.45
CA LEU B 5 -19.57 13.73 24.52
C LEU B 5 -19.42 12.92 25.77
N PRO B 6 -18.80 11.74 25.69
CA PRO B 6 -18.50 11.06 26.95
C PRO B 6 -17.54 11.86 27.84
N VAL B 7 -17.66 11.61 29.14
CA VAL B 7 -16.96 12.35 30.16
C VAL B 7 -15.98 11.47 30.87
N ALA B 8 -14.76 11.97 31.00
CA ALA B 8 -13.72 11.19 31.70
C ALA B 8 -13.98 11.28 33.20
N LYS B 9 -13.56 10.24 33.89
CA LYS B 9 -13.80 10.12 35.32
C LYS B 9 -12.49 10.00 36.10
N ARG B 10 -12.55 10.51 37.32
CA ARG B 10 -11.42 10.50 38.25
C ARG B 10 -10.72 9.14 38.27
N GLY B 11 -9.40 9.18 38.13
CA GLY B 11 -8.61 7.96 37.99
C GLY B 11 -8.11 7.81 36.58
N GLU B 12 -8.81 8.39 35.60
CA GLU B 12 -8.26 8.48 34.22
C GLU B 12 -7.31 9.67 34.05
N ASP B 13 -6.16 9.41 33.41
CA ASP B 13 -5.07 10.35 33.34
C ASP B 13 -5.21 11.63 32.50
N ILE B 14 -6.12 11.68 31.51
CA ILE B 14 -6.42 12.95 30.78
C ILE B 14 -6.64 14.13 31.74
N LEU B 15 -7.30 13.84 32.86
CA LEU B 15 -7.66 14.84 33.87
C LEU B 15 -6.48 15.31 34.72
N LYS B 16 -5.30 14.65 34.61
CA LYS B 16 -4.10 15.09 35.33
C LYS B 16 -3.18 15.93 34.44
N LEU B 17 -3.56 16.13 33.18
CA LEU B 17 -2.67 16.80 32.24
C LEU B 17 -2.84 18.30 32.38
N ILE B 18 -1.87 19.04 31.86
CA ILE B 18 -1.96 20.48 31.67
C ILE B 18 -2.40 20.57 30.19
N ALA B 19 -3.61 21.05 29.94
CA ALA B 19 -4.12 21.19 28.58
C ALA B 19 -3.29 22.20 27.77
N ALA B 20 -3.10 21.90 26.49
CA ALA B 20 -2.35 22.78 25.63
C ALA B 20 -3.18 23.97 25.18
N PRO B 21 -2.53 25.13 24.99
CA PRO B 21 -3.25 26.30 24.52
C PRO B 21 -3.83 26.10 23.15
N VAL B 22 -5.05 26.58 22.95
CA VAL B 22 -5.64 26.72 21.61
C VAL B 22 -4.85 27.72 20.74
N SER B 23 -4.60 27.30 19.51
CA SER B 23 -3.74 27.98 18.58
C SER B 23 -4.50 29.03 17.76
N ALA B 24 -3.75 29.96 17.19
CA ALA B 24 -4.28 30.99 16.29
C ALA B 24 -5.09 30.45 15.11
N ASN B 25 -4.69 29.30 14.59
CA ASN B 25 -5.38 28.70 13.43
C ASN B 25 -6.80 28.25 13.80
N GLU B 26 -6.99 27.84 15.05
CA GLU B 26 -8.29 27.30 15.48
C GLU B 26 -9.34 28.38 15.69
N LEU B 27 -8.89 29.61 15.93
CA LEU B 27 -9.83 30.70 16.23
C LEU B 27 -10.66 30.97 14.98
N ASN B 28 -11.94 31.20 15.20
CA ASN B 28 -12.90 31.46 14.12
C ASN B 28 -12.88 30.35 13.08
N SER B 29 -12.88 29.12 13.57
CA SER B 29 -12.92 27.94 12.74
C SER B 29 -14.15 27.15 13.10
N ASN B 30 -14.72 26.49 12.11
CA ASN B 30 -15.83 25.56 12.33
C ASN B 30 -15.43 24.40 13.26
N TRP B 31 -14.16 24.00 13.21
CA TRP B 31 -13.55 23.08 14.19
C TRP B 31 -13.84 23.49 15.60
N LEU B 32 -13.53 24.76 15.90
CA LEU B 32 -13.61 25.27 17.25
C LEU B 32 -15.05 25.56 17.68
N TYR B 33 -15.87 26.16 16.80
CA TYR B 33 -17.32 26.32 17.08
C TYR B 33 -17.97 24.97 17.38
N GLN B 34 -17.61 23.94 16.62
CA GLN B 34 -18.20 22.60 16.76
C GLN B 34 -17.75 21.96 18.09
N LEU B 35 -16.45 22.03 18.40
CA LEU B 35 -15.89 21.65 19.72
C LEU B 35 -16.68 22.30 20.86
N ALA B 36 -16.80 23.61 20.78
CA ALA B 36 -17.50 24.42 21.78
C ALA B 36 -18.95 24.00 21.89
N ASP B 37 -19.60 23.76 20.76
CA ASP B 37 -21.02 23.36 20.69
C ASP B 37 -21.28 21.98 21.34
N ALA B 38 -20.39 21.03 21.10
CA ALA B 38 -20.46 19.71 21.72
C ALA B 38 -20.17 19.76 23.24
N MET B 39 -19.25 20.63 23.66
CA MET B 39 -19.01 20.86 25.10
C MET B 39 -20.25 21.50 25.76
N HIS B 40 -20.87 22.42 25.02
CA HIS B 40 -22.05 23.13 25.48
C HIS B 40 -23.23 22.18 25.61
N ALA B 41 -23.43 21.37 24.58
CA ALA B 41 -24.49 20.35 24.62
C ALA B 41 -24.23 19.33 25.75
N THR B 42 -22.96 19.00 26.01
CA THR B 42 -22.65 18.00 27.05
C THR B 42 -22.94 18.52 28.45
N MET B 43 -22.58 19.78 28.69
CA MET B 43 -22.86 20.45 29.97
C MET B 43 -24.36 20.49 30.25
N LEU B 44 -25.16 20.92 29.26
CA LEU B 44 -26.62 21.03 29.38
C LEU B 44 -27.35 19.71 29.54
N GLU B 45 -26.88 18.66 28.88
CA GLU B 45 -27.55 17.37 29.01
C GLU B 45 -27.67 16.94 30.46
N ARG B 46 -26.72 17.35 31.29
CA ARG B 46 -26.62 16.94 32.70
C ARG B 46 -27.09 18.00 33.75
N ASN B 47 -27.58 19.15 33.30
CA ASN B 47 -27.60 20.36 34.14
C ASN B 47 -26.25 20.51 34.85
N GLY B 48 -25.29 21.03 34.09
CA GLY B 48 -24.03 21.49 34.62
C GLY B 48 -23.99 22.99 34.41
N VAL B 49 -23.19 23.67 35.23
CA VAL B 49 -23.06 25.12 35.15
C VAL B 49 -21.75 25.56 34.56
N GLY B 50 -20.88 24.61 34.33
CA GLY B 50 -19.67 24.88 33.56
C GLY B 50 -19.10 23.58 33.06
N ILE B 51 -18.12 23.68 32.20
CA ILE B 51 -17.45 22.47 31.72
C ILE B 51 -16.10 22.83 31.19
N ALA B 52 -15.20 21.86 31.21
CA ALA B 52 -13.82 22.06 30.74
C ALA B 52 -13.43 20.97 29.72
N ALA B 53 -12.82 21.39 28.62
CA ALA B 53 -12.52 20.50 27.50
C ALA B 53 -11.90 19.16 27.93
N PRO B 54 -10.88 19.18 28.84
CA PRO B 54 -10.29 17.92 29.32
C PRO B 54 -11.24 16.84 29.83
N GLN B 55 -12.39 17.24 30.34
CA GLN B 55 -13.42 16.30 30.79
C GLN B 55 -13.99 15.50 29.60
N VAL B 56 -13.92 16.06 28.39
CA VAL B 56 -14.46 15.37 27.18
C VAL B 56 -13.33 14.86 26.25
N TYR B 57 -12.23 14.47 26.90
CA TYR B 57 -11.06 13.91 26.32
C TYR B 57 -10.37 14.82 25.35
N ILE B 58 -10.46 16.12 25.56
CA ILE B 58 -9.91 17.14 24.65
C ILE B 58 -8.93 17.94 25.48
N SER B 59 -7.63 17.67 25.36
CA SER B 59 -6.64 18.27 26.24
C SER B 59 -6.27 19.67 25.71
N LYS B 60 -7.24 20.57 25.77
CA LYS B 60 -7.15 21.92 25.19
C LYS B 60 -7.75 22.97 26.15
N ARG B 61 -7.30 24.22 26.00
CA ARG B 61 -7.61 25.23 26.98
C ARG B 61 -8.88 25.97 26.57
N VAL B 62 -9.99 25.27 26.72
CA VAL B 62 -11.34 25.83 26.49
C VAL B 62 -12.17 25.41 27.69
N ILE B 63 -12.91 26.36 28.27
CA ILE B 63 -13.88 26.09 29.32
C ILE B 63 -15.18 26.80 28.99
N ILE B 64 -16.27 26.38 29.62
CA ILE B 64 -17.50 27.15 29.59
C ILE B 64 -17.94 27.46 31.01
N VAL B 65 -18.34 28.73 31.22
CA VAL B 65 -18.88 29.23 32.49
C VAL B 65 -20.35 29.60 32.22
N ALA B 66 -21.27 28.93 32.90
CA ALA B 66 -22.67 29.02 32.52
C ALA B 66 -23.63 28.90 33.71
N SER B 67 -23.47 29.82 34.67
CA SER B 67 -24.28 29.86 35.88
C SER B 67 -25.76 30.06 35.58
N ARG B 68 -26.61 29.26 36.22
CA ARG B 68 -28.05 29.41 36.13
C ARG B 68 -28.73 28.76 37.34
N PRO B 69 -29.79 29.41 37.90
CA PRO B 69 -30.43 28.90 39.11
C PRO B 69 -31.05 27.52 38.90
N ASN B 70 -30.99 26.70 39.94
CA ASN B 70 -31.22 25.26 39.85
C ASN B 70 -31.76 24.77 41.17
N PRO B 71 -32.37 23.57 41.17
CA PRO B 71 -32.60 22.90 42.46
C PRO B 71 -31.30 22.73 43.27
N ARG B 72 -30.22 22.38 42.58
CA ARG B 72 -28.88 22.27 43.20
C ARG B 72 -28.30 23.61 43.68
N TYR B 73 -28.51 24.66 42.89
CA TYR B 73 -28.00 26.01 43.19
C TYR B 73 -29.11 27.03 43.00
N PRO B 74 -30.11 27.02 43.89
CA PRO B 74 -31.06 28.15 43.83
C PRO B 74 -30.29 29.41 44.26
N ASP B 75 -30.79 30.57 43.88
CA ASP B 75 -30.04 31.85 44.08
C ASP B 75 -28.70 31.93 43.31
N ALA B 76 -28.37 30.93 42.47
CA ALA B 76 -27.23 31.05 41.56
C ALA B 76 -27.66 31.96 40.40
N PRO B 77 -26.87 33.00 40.11
CA PRO B 77 -27.32 34.03 39.15
C PRO B 77 -27.59 33.54 37.71
N GLU B 78 -28.29 34.39 36.97
CA GLU B 78 -28.59 34.19 35.56
C GLU B 78 -27.45 34.80 34.78
N MET B 79 -26.85 34.04 33.85
CA MET B 79 -25.81 34.61 32.96
C MET B 79 -25.83 33.97 31.58
N ASN B 80 -25.51 34.76 30.56
CA ASN B 80 -25.27 34.17 29.25
C ASN B 80 -24.06 33.27 29.41
N ALA B 81 -24.18 32.02 28.98
CA ALA B 81 -23.03 31.12 28.89
C ALA B 81 -21.89 31.82 28.15
N VAL B 82 -20.69 31.65 28.64
CA VAL B 82 -19.53 32.31 28.05
C VAL B 82 -18.45 31.25 27.83
N VAL B 83 -18.06 31.09 26.57
CA VAL B 83 -17.02 30.17 26.17
C VAL B 83 -15.68 30.90 26.21
N MET B 84 -14.73 30.39 26.97
CA MET B 84 -13.45 31.06 27.13
C MET B 84 -12.32 30.23 26.56
N VAL B 85 -11.58 30.82 25.63
CA VAL B 85 -10.45 30.19 25.02
C VAL B 85 -9.18 30.71 25.68
N ASN B 86 -8.25 29.80 25.95
CA ASN B 86 -7.01 30.14 26.65
C ASN B 86 -7.21 31.13 27.77
N PRO B 87 -8.04 30.80 28.78
CA PRO B 87 -8.26 31.71 29.91
C PRO B 87 -7.08 31.69 30.87
N GLU B 88 -6.70 32.86 31.39
CA GLU B 88 -5.79 32.96 32.53
C GLU B 88 -6.44 33.83 33.60
N ILE B 89 -6.34 33.39 34.85
CA ILE B 89 -6.85 34.17 35.98
C ILE B 89 -5.76 35.17 36.36
N LEU B 90 -6.04 36.46 36.17
CA LEU B 90 -5.03 37.48 36.46
C LEU B 90 -4.95 37.83 37.94
N GLU B 91 -6.09 37.86 38.63
CA GLU B 91 -6.10 38.19 40.07
C GLU B 91 -7.12 37.34 40.82
N PHE B 92 -6.70 36.83 41.97
CA PHE B 92 -7.60 36.21 42.94
C PHE B 92 -7.77 37.20 44.07
N SER B 93 -8.99 37.43 44.53
CA SER B 93 -9.19 38.06 45.83
C SER B 93 -8.58 37.21 46.97
N SER B 94 -8.04 37.89 47.98
CA SER B 94 -7.68 37.23 49.25
C SER B 94 -8.97 36.86 50.01
N GLU B 95 -10.04 37.59 49.69
CA GLU B 95 -11.38 37.37 50.20
C GLU B 95 -11.92 36.00 49.77
N MET B 96 -11.78 35.02 50.67
CA MET B 96 -12.27 33.63 50.48
C MET B 96 -13.77 33.50 50.59
N CYS B 97 -14.36 32.55 49.87
CA CYS B 97 -15.75 32.10 50.09
C CYS B 97 -15.77 30.58 50.04
N LEU B 98 -16.79 29.96 50.64
CA LEU B 98 -16.91 28.49 50.68
C LEU B 98 -18.19 28.07 49.95
N GLY B 99 -18.05 27.35 48.84
CA GLY B 99 -19.20 26.89 48.07
C GLY B 99 -19.34 25.38 47.99
N GLU B 100 -20.53 24.94 47.64
CA GLU B 100 -20.79 23.53 47.36
C GLU B 100 -20.51 23.28 45.88
N GLU B 101 -19.66 22.31 45.62
CA GLU B 101 -19.28 21.92 44.27
C GLU B 101 -19.52 20.42 43.99
N GLY B 102 -19.85 20.14 42.73
CA GLY B 102 -19.78 18.81 42.15
C GLY B 102 -19.20 18.90 40.76
N CYS B 103 -18.88 17.73 40.22
CA CYS B 103 -18.18 17.61 38.95
C CYS B 103 -18.60 16.35 38.24
N LEU B 104 -19.06 16.48 36.99
CA LEU B 104 -19.34 15.30 36.15
C LEU B 104 -18.20 14.26 36.14
N SER B 105 -16.97 14.73 36.27
CA SER B 105 -15.81 13.86 36.39
C SER B 105 -15.56 13.23 37.77
N VAL B 106 -16.36 13.63 38.77
CA VAL B 106 -16.29 13.05 40.14
C VAL B 106 -17.69 12.60 40.61
N PRO B 107 -18.13 11.41 40.16
CA PRO B 107 -19.49 10.95 40.48
C PRO B 107 -19.65 10.37 41.90
N ASP B 108 -20.85 10.54 42.47
CA ASP B 108 -21.12 10.37 43.94
C ASP B 108 -19.97 10.76 44.92
N GLU B 109 -19.43 11.96 44.69
CA GLU B 109 -18.61 12.72 45.62
C GLU B 109 -18.81 14.19 45.26
N ARG B 110 -19.56 14.90 46.11
CA ARG B 110 -19.65 16.36 46.08
C ARG B 110 -19.05 16.84 47.39
N GLY B 111 -18.79 18.13 47.50
CA GLY B 111 -18.29 18.66 48.75
C GLY B 111 -18.16 20.15 48.79
N GLN B 112 -17.68 20.65 49.93
CA GLN B 112 -17.57 22.05 50.20
C GLN B 112 -16.11 22.54 50.02
N VAL B 113 -15.92 23.63 49.28
CA VAL B 113 -14.61 23.98 48.73
C VAL B 113 -14.33 25.46 48.86
N GLU B 114 -13.11 25.81 49.31
CA GLU B 114 -12.74 27.21 49.49
C GLU B 114 -12.28 27.88 48.21
N ARG B 115 -12.98 28.93 47.78
CA ARG B 115 -12.59 29.69 46.59
C ARG B 115 -12.41 31.17 46.87
N ALA B 116 -11.52 31.83 46.13
CA ALA B 116 -11.50 33.29 46.10
C ALA B 116 -12.84 33.81 45.60
N GLU B 117 -13.43 34.76 46.32
CA GLU B 117 -14.75 35.32 45.96
C GLU B 117 -14.74 36.18 44.69
N MET B 118 -13.60 36.76 44.33
CA MET B 118 -13.47 37.56 43.11
C MET B 118 -12.29 37.06 42.29
N VAL B 119 -12.48 36.96 40.98
CA VAL B 119 -11.38 36.65 40.00
C VAL B 119 -11.43 37.61 38.81
N LYS B 120 -10.27 38.11 38.41
CA LYS B 120 -10.15 38.88 37.18
C LYS B 120 -9.49 37.90 36.23
N VAL B 121 -10.04 37.81 35.02
CA VAL B 121 -9.70 36.76 34.09
C VAL B 121 -9.66 37.31 32.67
N LYS B 122 -8.63 36.91 31.90
CA LYS B 122 -8.55 37.18 30.46
C LYS B 122 -8.70 35.91 29.66
N TYR B 123 -9.30 36.05 28.50
CA TYR B 123 -9.49 34.93 27.63
C TYR B 123 -9.67 35.43 26.22
N LEU B 124 -9.64 34.52 25.27
CA LEU B 124 -10.06 34.83 23.93
C LEU B 124 -11.47 34.29 23.75
N THR B 125 -12.30 35.03 23.01
CA THR B 125 -13.57 34.49 22.50
C THR B 125 -13.30 33.43 21.42
N LEU B 126 -14.39 32.79 20.97
CA LEU B 126 -14.34 31.87 19.84
C LEU B 126 -13.97 32.56 18.51
N GLN B 127 -14.20 33.87 18.39
CA GLN B 127 -13.71 34.61 17.20
C GLN B 127 -12.29 35.08 17.41
N GLY B 128 -11.78 34.98 18.63
CA GLY B 128 -10.36 35.29 18.92
C GLY B 128 -10.08 36.71 19.37
N GLU B 129 -11.08 37.38 19.95
CA GLU B 129 -10.89 38.69 20.55
C GLU B 129 -10.42 38.51 21.97
N MET B 130 -9.40 39.27 22.35
CA MET B 130 -8.90 39.31 23.74
C MET B 130 -9.89 40.05 24.64
N VAL B 131 -10.35 39.37 25.69
CA VAL B 131 -11.33 39.91 26.63
C VAL B 131 -10.65 39.90 28.02
N GLU B 132 -11.16 40.71 28.93
CA GLU B 132 -10.70 40.76 30.32
C GLU B 132 -11.86 41.19 31.22
N THR B 133 -12.38 40.27 32.02
CA THR B 133 -13.55 40.50 32.84
C THR B 133 -13.35 40.05 34.29
N VAL B 134 -14.19 40.58 35.18
CA VAL B 134 -14.15 40.22 36.59
C VAL B 134 -15.44 39.47 36.95
N PHE B 135 -15.29 38.36 37.68
CA PHE B 135 -16.43 37.57 38.21
C PHE B 135 -16.39 37.57 39.73
N GLN B 136 -17.55 37.74 40.33
CA GLN B 136 -17.70 37.66 41.78
C GLN B 136 -18.56 36.39 42.06
N GLY B 137 -18.37 35.83 43.24
CA GLY B 137 -19.29 34.84 43.78
C GLY B 137 -19.28 33.50 43.09
N PHE B 138 -20.44 33.09 42.60
CA PHE B 138 -20.61 31.75 42.08
C PHE B 138 -20.01 31.61 40.69
N PRO B 139 -20.26 32.58 39.78
CA PRO B 139 -19.54 32.54 38.51
C PRO B 139 -18.02 32.55 38.68
N ALA B 140 -17.52 33.30 39.66
CA ALA B 140 -16.09 33.26 40.04
C ALA B 140 -15.66 31.86 40.47
N ARG B 141 -16.48 31.20 41.26
CA ARG B 141 -16.23 29.79 41.62
C ARG B 141 -16.17 28.86 40.40
N ILE B 142 -17.08 29.01 39.45
CA ILE B 142 -17.12 28.15 38.24
C ILE B 142 -15.82 28.30 37.43
N VAL B 143 -15.38 29.55 37.19
CA VAL B 143 -14.09 29.83 36.51
C VAL B 143 -12.90 29.16 37.19
N GLN B 144 -12.82 29.24 38.50
CA GLN B 144 -11.72 28.62 39.21
C GLN B 144 -11.75 27.10 39.06
N HIS B 145 -12.97 26.54 39.04
CA HIS B 145 -13.15 25.08 38.92
C HIS B 145 -12.68 24.55 37.54
N GLU B 146 -13.18 25.18 36.49
CA GLU B 146 -12.88 24.75 35.13
C GLU B 146 -11.44 25.07 34.74
N VAL B 147 -10.86 26.13 35.33
CA VAL B 147 -9.45 26.45 35.08
C VAL B 147 -8.58 25.41 35.76
N ASP B 148 -8.85 25.14 37.03
CA ASP B 148 -8.26 23.94 37.67
C ASP B 148 -8.16 22.68 36.79
N HIS B 149 -9.21 22.41 36.00
CA HIS B 149 -9.29 21.24 35.08
C HIS B 149 -8.21 21.32 33.99
N LEU B 150 -7.96 22.55 33.50
CA LEU B 150 -6.93 22.81 32.50
C LEU B 150 -5.53 22.53 32.99
N ASN B 151 -5.31 22.76 34.29
CA ASN B 151 -4.04 22.49 34.98
C ASN B 151 -4.10 21.17 35.78
N GLY B 152 -5.01 20.28 35.41
CA GLY B 152 -4.97 18.88 35.85
C GLY B 152 -5.34 18.65 37.29
N ILE B 153 -6.25 19.51 37.79
CA ILE B 153 -6.65 19.57 39.20
C ILE B 153 -8.17 19.38 39.31
N LEU B 154 -8.57 18.38 40.09
CA LEU B 154 -9.96 18.12 40.44
C LEU B 154 -10.32 18.76 41.79
N PHE B 155 -11.56 19.23 41.94
CA PHE B 155 -11.97 19.99 43.13
C PHE B 155 -11.68 19.31 44.46
N VAL B 156 -11.81 17.98 44.51
CA VAL B 156 -11.48 17.22 45.73
C VAL B 156 -10.02 17.38 46.22
N GLU B 157 -9.11 17.73 45.33
CA GLU B 157 -7.71 18.01 45.72
C GLU B 157 -7.58 19.36 46.41
N ARG B 158 -8.59 20.20 46.26
CA ARG B 158 -8.63 21.46 47.00
C ARG B 158 -9.32 21.39 48.40
N ILE B 159 -9.45 20.20 48.98
CA ILE B 159 -10.21 20.02 50.25
C ILE B 159 -9.29 19.71 51.45
N MET C 1 26.90 -16.71 -14.61
CA MET C 1 25.43 -16.63 -14.22
C MET C 1 24.89 -15.17 -13.93
N SER C 2 25.17 -14.24 -14.86
CA SER C 2 24.46 -12.94 -14.95
C SER C 2 24.12 -12.68 -16.44
N VAL C 3 22.85 -12.49 -16.75
CA VAL C 3 22.36 -12.61 -18.13
C VAL C 3 21.68 -11.34 -18.61
N VAL C 4 22.01 -10.92 -19.83
CA VAL C 4 21.33 -9.87 -20.51
C VAL C 4 20.55 -10.55 -21.65
N LEU C 5 19.25 -10.36 -21.74
CA LEU C 5 18.47 -11.13 -22.70
C LEU C 5 18.27 -10.41 -24.04
N PRO C 6 18.35 -11.15 -25.16
CA PRO C 6 17.98 -10.57 -26.45
C PRO C 6 16.60 -9.92 -26.40
N VAL C 7 16.46 -8.76 -27.03
CA VAL C 7 15.20 -8.07 -27.11
C VAL C 7 14.54 -8.20 -28.49
N ALA C 8 13.25 -8.49 -28.51
CA ALA C 8 12.48 -8.51 -29.77
C ALA C 8 12.20 -7.10 -30.33
N LYS C 9 12.24 -6.97 -31.64
CA LYS C 9 12.05 -5.70 -32.36
C LYS C 9 10.72 -5.67 -33.11
N ARG C 10 10.14 -4.46 -33.20
CA ARG C 10 8.94 -4.18 -33.97
C ARG C 10 9.00 -4.87 -35.32
N GLY C 11 7.98 -5.64 -35.65
CA GLY C 11 8.03 -6.53 -36.80
C GLY C 11 7.83 -7.97 -36.34
N GLU C 12 8.41 -8.33 -35.19
CA GLU C 12 8.33 -9.72 -34.70
C GLU C 12 7.05 -9.96 -33.95
N ASP C 13 6.31 -10.98 -34.38
CA ASP C 13 4.93 -11.21 -33.89
C ASP C 13 4.75 -11.41 -32.38
N ILE C 14 5.79 -11.83 -31.71
CA ILE C 14 5.71 -12.01 -30.26
C ILE C 14 5.27 -10.75 -29.50
N LEU C 15 5.67 -9.58 -29.98
CA LEU C 15 5.25 -8.29 -29.44
C LEU C 15 3.76 -7.96 -29.63
N LYS C 16 3.08 -8.63 -30.58
CA LYS C 16 1.65 -8.45 -30.84
C LYS C 16 0.72 -9.42 -30.06
N LEU C 17 1.26 -10.37 -29.30
CA LEU C 17 0.42 -11.33 -28.56
C LEU C 17 -0.17 -10.69 -27.29
N ILE C 18 -1.12 -11.39 -26.68
CA ILE C 18 -1.61 -11.10 -25.35
C ILE C 18 -0.86 -12.10 -24.44
N ALA C 19 0.05 -11.61 -23.61
CA ALA C 19 0.82 -12.43 -22.67
C ALA C 19 -0.07 -13.21 -21.68
N ALA C 20 0.34 -14.41 -21.29
CA ALA C 20 -0.53 -15.19 -20.38
C ALA C 20 -0.30 -14.81 -18.93
N PRO C 21 -1.35 -14.88 -18.10
CA PRO C 21 -1.08 -14.63 -16.69
C PRO C 21 -0.10 -15.63 -16.08
N VAL C 22 0.79 -15.13 -15.21
CA VAL C 22 1.64 -15.94 -14.33
C VAL C 22 0.74 -16.75 -13.40
N SER C 23 1.06 -18.02 -13.23
CA SER C 23 0.25 -18.94 -12.42
C SER C 23 0.72 -18.97 -10.97
N ALA C 24 -0.13 -19.56 -10.14
CA ALA C 24 0.15 -19.73 -8.72
C ALA C 24 1.40 -20.53 -8.46
N ASN C 25 1.67 -21.49 -9.33
CA ASN C 25 2.83 -22.38 -9.18
C ASN C 25 4.13 -21.57 -9.32
N GLU C 26 4.11 -20.62 -10.25
CA GLU C 26 5.25 -19.73 -10.45
C GLU C 26 5.61 -18.78 -9.30
N LEU C 27 4.61 -18.39 -8.49
CA LEU C 27 4.84 -17.44 -7.40
C LEU C 27 5.78 -17.96 -6.34
N ASN C 28 6.78 -17.16 -6.00
CA ASN C 28 7.82 -17.50 -5.00
C ASN C 28 8.67 -18.71 -5.45
N SER C 29 8.91 -18.80 -6.75
CA SER C 29 9.75 -19.84 -7.33
C SER C 29 11.03 -19.21 -7.80
N ASN C 30 12.12 -19.97 -7.72
CA ASN C 30 13.42 -19.57 -8.26
C ASN C 30 13.30 -19.23 -9.72
N TRP C 31 12.53 -20.03 -10.45
CA TRP C 31 12.10 -19.73 -11.82
C TRP C 31 11.73 -18.26 -12.03
N LEU C 32 10.80 -17.77 -11.19
CA LEU C 32 10.24 -16.46 -11.36
C LEU C 32 11.25 -15.39 -10.95
N TYR C 33 11.92 -15.61 -9.80
CA TYR C 33 12.99 -14.72 -9.34
C TYR C 33 14.04 -14.57 -10.41
N GLN C 34 14.46 -15.70 -10.99
CA GLN C 34 15.46 -15.71 -12.04
C GLN C 34 14.96 -14.97 -13.30
N LEU C 35 13.71 -15.24 -13.74
CA LEU C 35 13.10 -14.46 -14.83
C LEU C 35 13.22 -12.97 -14.56
N ALA C 36 12.85 -12.58 -13.34
CA ALA C 36 12.78 -11.20 -12.94
C ALA C 36 14.15 -10.57 -12.91
N ASP C 37 15.10 -11.26 -12.29
CA ASP C 37 16.52 -10.85 -12.27
C ASP C 37 17.06 -10.58 -13.70
N ALA C 38 16.76 -11.49 -14.62
CA ALA C 38 17.19 -11.35 -16.00
C ALA C 38 16.57 -10.16 -16.71
N MET C 39 15.26 -9.96 -16.50
CA MET C 39 14.56 -8.80 -17.04
C MET C 39 15.19 -7.50 -16.51
N HIS C 40 15.46 -7.53 -15.20
CA HIS C 40 16.01 -6.40 -14.49
C HIS C 40 17.37 -6.08 -15.06
N ALA C 41 18.26 -7.07 -15.04
CA ALA C 41 19.58 -6.90 -15.64
C ALA C 41 19.47 -6.41 -17.09
N THR C 42 18.48 -6.92 -17.85
CA THR C 42 18.31 -6.46 -19.24
C THR C 42 17.96 -4.99 -19.29
N MET C 43 17.06 -4.55 -18.41
CA MET C 43 16.64 -3.17 -18.40
C MET C 43 17.81 -2.25 -18.06
N LEU C 44 18.58 -2.57 -16.99
CA LEU C 44 19.72 -1.74 -16.57
C LEU C 44 20.77 -1.60 -17.62
N GLU C 45 21.16 -2.72 -18.22
CA GLU C 45 22.26 -2.72 -19.19
C GLU C 45 22.00 -1.61 -20.17
N ARG C 46 20.78 -1.59 -20.69
CA ARG C 46 20.39 -0.69 -21.76
C ARG C 46 20.19 0.77 -21.30
N ASN C 47 19.81 0.95 -20.04
CA ASN C 47 19.47 2.23 -19.39
C ASN C 47 17.96 2.46 -19.26
N GLY C 48 17.15 1.41 -19.46
CA GLY C 48 15.70 1.54 -19.47
C GLY C 48 15.13 1.88 -18.10
N VAL C 49 13.96 2.52 -18.11
CA VAL C 49 13.20 2.85 -16.85
C VAL C 49 11.99 1.95 -16.65
N GLY C 50 11.77 1.05 -17.59
CA GLY C 50 10.88 -0.07 -17.39
C GLY C 50 11.09 -1.11 -18.49
N ILE C 51 10.53 -2.30 -18.28
CA ILE C 51 10.65 -3.38 -19.23
C ILE C 51 9.49 -4.32 -19.03
N ALA C 52 9.12 -5.05 -20.09
CA ALA C 52 8.05 -6.02 -20.03
C ALA C 52 8.53 -7.36 -20.61
N ALA C 53 8.15 -8.43 -19.95
CA ALA C 53 8.55 -9.80 -20.34
C ALA C 53 8.40 -10.12 -21.85
N PRO C 54 7.28 -9.72 -22.48
CA PRO C 54 7.20 -10.01 -23.93
C PRO C 54 8.33 -9.48 -24.78
N GLN C 55 8.97 -8.38 -24.35
CA GLN C 55 10.11 -7.82 -25.08
C GLN C 55 11.34 -8.75 -25.07
N VAL C 56 11.43 -9.68 -24.11
CA VAL C 56 12.55 -10.60 -24.07
C VAL C 56 12.05 -12.03 -24.36
N TYR C 57 11.06 -12.12 -25.25
CA TYR C 57 10.56 -13.38 -25.76
C TYR C 57 9.86 -14.27 -24.72
N ILE C 58 9.53 -13.69 -23.57
CA ILE C 58 8.80 -14.34 -22.49
C ILE C 58 7.35 -13.79 -22.55
N SER C 59 6.42 -14.58 -23.09
CA SER C 59 5.01 -14.16 -23.26
C SER C 59 4.20 -14.38 -21.97
N LYS C 60 4.50 -13.55 -20.99
CA LYS C 60 4.01 -13.71 -19.62
C LYS C 60 3.78 -12.34 -19.02
N ARG C 61 2.84 -12.25 -18.09
CA ARG C 61 2.38 -10.97 -17.59
C ARG C 61 3.27 -10.53 -16.42
N VAL C 62 4.49 -10.11 -16.74
CA VAL C 62 5.41 -9.49 -15.77
C VAL C 62 6.02 -8.20 -16.36
N ILE C 63 6.08 -7.15 -15.55
CA ILE C 63 6.71 -5.89 -15.95
C ILE C 63 7.57 -5.37 -14.82
N ILE C 64 8.45 -4.43 -15.15
CA ILE C 64 9.18 -3.70 -14.15
C ILE C 64 9.04 -2.22 -14.42
N VAL C 65 8.65 -1.48 -13.38
CA VAL C 65 8.62 -0.03 -13.33
C VAL C 65 9.81 0.39 -12.45
N ALA C 66 10.63 1.30 -12.93
CA ALA C 66 11.92 1.60 -12.31
C ALA C 66 12.46 2.96 -12.80
N SER C 67 11.63 3.99 -12.64
CA SER C 67 11.97 5.38 -12.94
C SER C 67 13.23 5.80 -12.21
N ARG C 68 14.07 6.58 -12.88
CA ARG C 68 15.23 7.22 -12.24
C ARG C 68 15.78 8.31 -13.16
N PRO C 69 16.36 9.39 -12.58
CA PRO C 69 16.83 10.45 -13.44
C PRO C 69 18.10 10.02 -14.16
N ASN C 70 18.13 10.31 -15.45
CA ASN C 70 19.30 10.11 -16.28
C ASN C 70 19.25 11.23 -17.34
N PRO C 71 20.29 11.33 -18.19
CA PRO C 71 20.27 12.37 -19.22
C PRO C 71 18.98 12.47 -20.05
N ARG C 72 18.33 11.35 -20.28
CA ARG C 72 17.09 11.29 -21.08
C ARG C 72 15.87 11.84 -20.33
N TYR C 73 15.80 11.58 -19.02
CA TYR C 73 14.71 12.09 -18.18
C TYR C 73 15.25 12.72 -16.89
N PRO C 74 15.85 13.92 -16.98
CA PRO C 74 16.46 14.52 -15.79
C PRO C 74 15.46 14.87 -14.69
N ASP C 75 14.18 15.05 -15.08
CA ASP C 75 13.06 15.24 -14.15
C ASP C 75 12.49 13.92 -13.56
N ALA C 76 12.92 12.76 -14.07
CA ALA C 76 12.37 11.47 -13.58
C ALA C 76 12.55 11.32 -12.07
N PRO C 77 11.48 10.99 -11.36
CA PRO C 77 11.60 10.66 -9.93
C PRO C 77 12.53 9.47 -9.63
N GLU C 78 13.11 9.42 -8.43
CA GLU C 78 13.69 8.19 -7.90
C GLU C 78 12.57 7.34 -7.29
N MET C 79 12.63 6.06 -7.56
CA MET C 79 11.74 5.08 -6.91
C MET C 79 12.48 3.79 -6.74
N ASN C 80 12.17 3.03 -5.71
CA ASN C 80 12.66 1.67 -5.70
C ASN C 80 11.94 0.90 -6.80
N ALA C 81 12.71 0.17 -7.60
CA ALA C 81 12.20 -0.59 -8.74
C ALA C 81 11.17 -1.61 -8.29
N VAL C 82 10.12 -1.77 -9.09
CA VAL C 82 9.01 -2.61 -8.66
C VAL C 82 8.62 -3.57 -9.77
N VAL C 83 8.73 -4.86 -9.42
CA VAL C 83 8.39 -5.93 -10.31
C VAL C 83 6.94 -6.25 -10.08
N MET C 84 6.12 -6.09 -11.11
CA MET C 84 4.71 -6.39 -11.00
C MET C 84 4.34 -7.70 -11.70
N VAL C 85 3.72 -8.63 -10.98
CA VAL C 85 3.15 -9.83 -11.58
C VAL C 85 1.65 -9.65 -11.85
N ASN C 86 1.21 -10.04 -13.06
CA ASN C 86 -0.17 -9.98 -13.44
C ASN C 86 -0.78 -8.64 -13.10
N PRO C 87 -0.15 -7.53 -13.56
CA PRO C 87 -0.69 -6.19 -13.23
C PRO C 87 -1.99 -5.90 -13.98
N GLU C 88 -2.95 -5.27 -13.31
CA GLU C 88 -4.18 -4.72 -13.96
C GLU C 88 -4.27 -3.24 -13.63
N ILE C 89 -4.55 -2.41 -14.63
CA ILE C 89 -4.79 -1.01 -14.35
C ILE C 89 -6.27 -0.91 -14.00
N LEU C 90 -6.56 -0.51 -12.76
CA LEU C 90 -7.95 -0.44 -12.29
C LEU C 90 -8.62 0.85 -12.69
N GLU C 91 -7.86 1.94 -12.81
CA GLU C 91 -8.43 3.21 -13.26
C GLU C 91 -7.40 4.14 -13.89
N PHE C 92 -7.88 4.84 -14.91
CA PHE C 92 -7.11 5.85 -15.60
C PHE C 92 -7.72 7.17 -15.21
N SER C 93 -6.90 8.16 -14.92
CA SER C 93 -7.38 9.54 -14.88
C SER C 93 -7.86 9.97 -16.27
N SER C 94 -8.96 10.71 -16.34
CA SER C 94 -9.33 11.41 -17.57
C SER C 94 -8.35 12.56 -17.85
N GLU C 95 -7.66 13.02 -16.81
CA GLU C 95 -6.60 14.01 -16.96
C GLU C 95 -5.41 13.39 -17.66
N MET C 96 -5.03 13.99 -18.80
CA MET C 96 -3.99 13.49 -19.69
C MET C 96 -2.68 14.21 -19.46
N CYS C 97 -1.59 13.60 -19.93
CA CYS C 97 -0.23 14.19 -19.87
C CYS C 97 0.47 13.77 -21.15
N LEU C 98 1.27 14.67 -21.74
CA LEU C 98 2.04 14.35 -22.93
C LEU C 98 3.43 13.97 -22.50
N GLY C 99 3.93 12.84 -23.00
CA GLY C 99 5.18 12.29 -22.56
C GLY C 99 6.11 11.90 -23.69
N GLU C 100 7.39 11.99 -23.40
CA GLU C 100 8.43 11.55 -24.31
C GLU C 100 8.72 10.07 -23.99
N GLU C 101 8.54 9.22 -24.98
CA GLU C 101 8.72 7.78 -24.83
C GLU C 101 9.67 7.19 -25.88
N GLY C 102 10.53 6.26 -25.47
CA GLY C 102 11.27 5.36 -26.38
C GLY C 102 11.05 3.95 -25.92
N CYS C 103 11.32 2.97 -26.78
CA CYS C 103 11.22 1.56 -26.41
C CYS C 103 12.42 0.80 -26.98
N LEU C 104 12.94 -0.19 -26.25
CA LEU C 104 13.99 -1.06 -26.87
C LEU C 104 13.46 -1.90 -28.02
N SER C 105 12.16 -2.13 -28.04
CA SER C 105 11.54 -2.85 -29.14
C SER C 105 11.16 -1.97 -30.32
N VAL C 106 11.39 -0.67 -30.25
CA VAL C 106 11.22 0.24 -31.42
C VAL C 106 12.48 1.10 -31.59
N PRO C 107 13.55 0.50 -32.14
CA PRO C 107 14.85 1.19 -32.20
C PRO C 107 14.91 2.34 -33.21
N ASP C 108 15.75 3.34 -32.90
CA ASP C 108 15.82 4.63 -33.62
C ASP C 108 14.45 5.15 -34.12
N GLU C 109 13.57 5.35 -33.13
CA GLU C 109 12.24 5.92 -33.31
C GLU C 109 11.66 6.14 -31.92
N ARG C 110 11.63 7.39 -31.49
CA ARG C 110 10.99 7.83 -30.23
C ARG C 110 9.86 8.79 -30.58
N GLY C 111 9.12 9.24 -29.58
CA GLY C 111 8.05 10.18 -29.86
C GLY C 111 7.28 10.67 -28.66
N GLN C 112 6.22 11.43 -28.94
CA GLN C 112 5.30 11.99 -27.92
C GLN C 112 3.93 11.32 -27.86
N VAL C 113 3.59 10.82 -26.68
CA VAL C 113 2.48 9.91 -26.46
C VAL C 113 1.60 10.48 -25.34
N GLU C 114 0.29 10.56 -25.58
CA GLU C 114 -0.66 10.98 -24.55
C GLU C 114 -0.98 9.81 -23.58
N ARG C 115 -0.75 10.03 -22.28
CA ARG C 115 -1.01 9.05 -21.22
C ARG C 115 -1.90 9.68 -20.15
N ALA C 116 -2.66 8.84 -19.45
CA ALA C 116 -3.35 9.26 -18.24
C ALA C 116 -2.30 9.71 -17.23
N GLU C 117 -2.57 10.84 -16.56
CA GLU C 117 -1.63 11.37 -15.56
C GLU C 117 -1.59 10.49 -14.31
N MET C 118 -2.67 9.76 -14.06
CA MET C 118 -2.77 8.91 -12.89
C MET C 118 -3.33 7.55 -13.27
N VAL C 119 -2.76 6.51 -12.66
CA VAL C 119 -3.29 5.15 -12.76
C VAL C 119 -3.35 4.51 -11.39
N LYS C 120 -4.39 3.70 -11.21
CA LYS C 120 -4.56 2.90 -10.02
C LYS C 120 -4.39 1.47 -10.50
N VAL C 121 -3.54 0.71 -9.79
CA VAL C 121 -3.01 -0.55 -10.32
C VAL C 121 -2.92 -1.66 -9.28
N LYS C 122 -3.44 -2.82 -9.66
CA LYS C 122 -3.39 -4.04 -8.86
C LYS C 122 -2.32 -4.93 -9.49
N TYR C 123 -1.51 -5.55 -8.65
CA TYR C 123 -0.58 -6.56 -9.11
C TYR C 123 -0.25 -7.56 -8.00
N LEU C 124 0.46 -8.62 -8.36
CA LEU C 124 1.06 -9.49 -7.37
C LEU C 124 2.56 -9.24 -7.35
N THR C 125 3.15 -9.22 -6.16
CA THR C 125 4.61 -9.23 -6.00
C THR C 125 5.16 -10.58 -6.44
N LEU C 126 6.49 -10.68 -6.47
CA LEU C 126 7.20 -11.95 -6.74
C LEU C 126 7.02 -13.01 -5.65
N GLN C 127 6.66 -12.59 -4.43
CA GLN C 127 6.37 -13.51 -3.33
C GLN C 127 4.90 -13.96 -3.43
N GLY C 128 4.10 -13.19 -4.16
CA GLY C 128 2.70 -13.52 -4.45
C GLY C 128 1.65 -12.81 -3.60
N GLU C 129 1.96 -11.61 -3.08
CA GLU C 129 1.01 -10.79 -2.30
C GLU C 129 0.23 -9.85 -3.20
N MET C 130 -1.10 -9.88 -3.07
CA MET C 130 -1.98 -8.84 -3.65
C MET C 130 -1.56 -7.43 -3.22
N VAL C 131 -1.37 -6.53 -4.19
CA VAL C 131 -0.99 -5.13 -3.93
C VAL C 131 -1.82 -4.25 -4.88
N GLU C 132 -2.24 -3.11 -4.36
CA GLU C 132 -2.99 -2.11 -5.08
C GLU C 132 -2.30 -0.78 -4.79
N THR C 133 -2.08 0.02 -5.82
CA THR C 133 -1.30 1.25 -5.65
C THR C 133 -1.51 2.22 -6.81
N VAL C 134 -1.34 3.50 -6.51
CA VAL C 134 -1.62 4.56 -7.46
C VAL C 134 -0.30 5.19 -7.88
N PHE C 135 -0.16 5.40 -9.18
CA PHE C 135 1.03 6.06 -9.75
C PHE C 135 0.63 7.35 -10.46
N GLN C 136 1.57 8.28 -10.42
CA GLN C 136 1.33 9.66 -10.82
C GLN C 136 2.46 9.99 -11.80
N GLY C 137 2.13 10.75 -12.84
CA GLY C 137 3.12 11.30 -13.76
C GLY C 137 3.91 10.28 -14.59
N PHE C 138 5.21 10.24 -14.34
CA PHE C 138 6.11 9.49 -15.19
C PHE C 138 6.05 8.00 -14.82
N PRO C 139 6.08 7.65 -13.53
CA PRO C 139 5.86 6.22 -13.26
C PRO C 139 4.53 5.68 -13.77
N ALA C 140 3.48 6.51 -13.74
CA ALA C 140 2.18 6.17 -14.33
C ALA C 140 2.29 5.90 -15.83
N ARG C 141 3.06 6.76 -16.50
CA ARG C 141 3.32 6.56 -17.90
C ARG C 141 4.07 5.26 -18.15
N ILE C 142 5.11 4.98 -17.37
CA ILE C 142 5.86 3.71 -17.43
C ILE C 142 4.93 2.49 -17.26
N VAL C 143 4.09 2.49 -16.23
CA VAL C 143 3.05 1.43 -16.06
C VAL C 143 2.12 1.27 -17.28
N GLN C 144 1.73 2.35 -17.92
CA GLN C 144 0.84 2.22 -19.10
C GLN C 144 1.59 1.67 -20.30
N HIS C 145 2.86 2.05 -20.40
CA HIS C 145 3.75 1.55 -21.47
C HIS C 145 4.02 0.02 -21.44
N GLU C 146 4.33 -0.50 -20.27
CA GLU C 146 4.68 -1.92 -20.14
C GLU C 146 3.42 -2.80 -20.12
N VAL C 147 2.32 -2.31 -19.55
CA VAL C 147 1.03 -3.02 -19.64
C VAL C 147 0.60 -3.12 -21.08
N ASP C 148 0.81 -2.06 -21.85
CA ASP C 148 0.58 -2.11 -23.28
C ASP C 148 1.31 -3.27 -23.98
N HIS C 149 2.60 -3.52 -23.63
CA HIS C 149 3.34 -4.65 -24.19
C HIS C 149 2.66 -5.97 -23.91
N LEU C 150 2.10 -6.10 -22.70
CA LEU C 150 1.35 -7.29 -22.28
C LEU C 150 0.06 -7.52 -23.07
N ASN C 151 -0.50 -6.47 -23.70
CA ASN C 151 -1.71 -6.59 -24.53
C ASN C 151 -1.40 -6.40 -26.02
N GLY C 152 -0.16 -6.66 -26.37
CA GLY C 152 0.30 -6.65 -27.73
C GLY C 152 0.46 -5.29 -28.38
N ILE C 153 0.72 -4.24 -27.59
CA ILE C 153 0.64 -2.85 -28.11
C ILE C 153 1.94 -2.10 -27.91
N LEU C 154 2.42 -1.53 -29.00
CA LEU C 154 3.64 -0.75 -28.99
C LEU C 154 3.31 0.71 -28.95
N PHE C 155 4.21 1.50 -28.36
CA PHE C 155 3.91 2.91 -28.12
C PHE C 155 3.59 3.73 -29.37
N VAL C 156 4.14 3.34 -30.50
CA VAL C 156 3.81 3.98 -31.77
C VAL C 156 2.37 3.83 -32.26
N GLU C 157 1.64 2.82 -31.78
CA GLU C 157 0.22 2.63 -32.10
C GLU C 157 -0.67 3.59 -31.32
N ARG C 158 -0.12 4.32 -30.34
CA ARG C 158 -0.84 5.40 -29.64
C ARG C 158 -0.45 6.83 -30.12
N ILE C 159 0.06 6.99 -31.34
CA ILE C 159 0.44 8.32 -31.88
C ILE C 159 -0.34 8.57 -33.17
N SER D 2 11.01 -27.28 -7.63
CA SER D 2 10.59 -27.42 -9.09
C SER D 2 9.16 -26.98 -9.34
N VAL D 3 8.95 -26.37 -10.51
CA VAL D 3 7.74 -25.64 -10.84
C VAL D 3 7.04 -26.32 -12.01
N VAL D 4 5.73 -26.41 -11.92
CA VAL D 4 4.92 -26.89 -13.01
C VAL D 4 4.33 -25.65 -13.65
N LEU D 5 4.74 -25.38 -14.89
CA LEU D 5 4.34 -24.17 -15.60
C LEU D 5 3.00 -24.31 -16.35
N PRO D 6 2.30 -23.19 -16.56
CA PRO D 6 1.07 -23.28 -17.37
C PRO D 6 1.38 -23.55 -18.85
N VAL D 7 0.47 -24.25 -19.52
CA VAL D 7 0.70 -24.74 -20.86
C VAL D 7 -0.37 -24.19 -21.80
N ALA D 8 0.08 -23.86 -23.00
CA ALA D 8 -0.72 -23.18 -24.00
C ALA D 8 -1.38 -24.22 -24.84
N LYS D 9 -2.60 -23.96 -25.28
CA LYS D 9 -3.38 -24.90 -26.06
C LYS D 9 -3.50 -24.37 -27.48
N ARG D 10 -3.60 -25.30 -28.42
CA ARG D 10 -4.02 -25.06 -29.79
C ARG D 10 -5.05 -23.95 -29.87
N GLY D 11 -4.80 -22.97 -30.72
CA GLY D 11 -5.61 -21.75 -30.79
C GLY D 11 -4.80 -20.56 -30.38
N GLU D 12 -3.91 -20.77 -29.40
CA GLU D 12 -3.14 -19.67 -28.83
C GLU D 12 -1.99 -19.31 -29.76
N ASP D 13 -1.92 -18.04 -30.14
CA ASP D 13 -0.96 -17.57 -31.13
C ASP D 13 0.53 -17.75 -30.78
N ILE D 14 0.86 -17.78 -29.50
CA ILE D 14 2.23 -18.08 -29.10
C ILE D 14 2.82 -19.33 -29.77
N LEU D 15 1.97 -20.32 -29.95
CA LEU D 15 2.34 -21.60 -30.51
C LEU D 15 2.57 -21.57 -32.04
N LYS D 16 2.20 -20.48 -32.71
CA LYS D 16 2.35 -20.37 -34.16
C LYS D 16 3.57 -19.57 -34.58
N LEU D 17 4.49 -19.24 -33.66
CA LEU D 17 5.62 -18.35 -33.97
C LEU D 17 6.87 -19.15 -34.27
N ILE D 18 7.85 -18.45 -34.85
CA ILE D 18 9.21 -18.94 -34.94
C ILE D 18 9.90 -18.52 -33.67
N ALA D 19 10.22 -19.50 -32.83
CA ALA D 19 10.96 -19.24 -31.57
C ALA D 19 12.36 -18.66 -31.82
N ALA D 20 12.76 -17.67 -31.03
CA ALA D 20 14.08 -17.05 -31.18
C ALA D 20 15.20 -17.95 -30.63
N PRO D 21 16.36 -17.97 -31.30
CA PRO D 21 17.53 -18.68 -30.72
C PRO D 21 18.01 -18.13 -29.39
N VAL D 22 18.18 -19.02 -28.43
CA VAL D 22 19.05 -18.79 -27.25
C VAL D 22 20.41 -18.18 -27.65
N SER D 23 20.74 -17.01 -27.11
CA SER D 23 21.95 -16.28 -27.44
C SER D 23 23.08 -16.79 -26.57
N ALA D 24 24.27 -16.27 -26.86
CA ALA D 24 25.51 -16.78 -26.30
C ALA D 24 25.61 -16.44 -24.81
N ASN D 25 25.15 -15.24 -24.43
CA ASN D 25 25.22 -14.84 -23.03
C ASN D 25 24.31 -15.71 -22.17
N GLU D 26 23.20 -16.16 -22.75
CA GLU D 26 22.30 -17.11 -22.08
C GLU D 26 22.89 -18.48 -21.85
N LEU D 27 23.82 -18.89 -22.70
CA LEU D 27 24.46 -20.19 -22.51
C LEU D 27 25.17 -20.23 -21.16
N ASN D 28 24.94 -21.31 -20.41
CA ASN D 28 25.54 -21.55 -19.09
C ASN D 28 25.12 -20.52 -18.02
N SER D 29 23.92 -19.98 -18.18
CA SER D 29 23.36 -19.07 -17.20
C SER D 29 22.35 -19.84 -16.33
N ASN D 30 22.18 -19.40 -15.09
CA ASN D 30 21.16 -19.95 -14.20
C ASN D 30 19.74 -19.63 -14.76
N TRP D 31 19.57 -18.51 -15.46
CA TRP D 31 18.34 -18.27 -16.27
C TRP D 31 17.99 -19.52 -17.06
N LEU D 32 18.97 -20.05 -17.78
CA LEU D 32 18.73 -21.14 -18.71
C LEU D 32 18.51 -22.49 -18.01
N TYR D 33 19.34 -22.76 -16.99
CA TYR D 33 19.21 -24.01 -16.21
C TYR D 33 17.85 -24.06 -15.58
N GLN D 34 17.48 -22.93 -14.96
CA GLN D 34 16.14 -22.75 -14.43
C GLN D 34 15.08 -22.91 -15.53
N LEU D 35 15.22 -22.25 -16.66
CA LEU D 35 14.17 -22.44 -17.71
C LEU D 35 13.93 -23.95 -18.00
N ALA D 36 15.04 -24.68 -18.11
CA ALA D 36 15.05 -26.08 -18.44
C ALA D 36 14.48 -26.95 -17.33
N ASP D 37 14.87 -26.65 -16.10
CA ASP D 37 14.33 -27.31 -14.94
C ASP D 37 12.81 -27.23 -14.87
N ALA D 38 12.29 -26.05 -15.09
CA ALA D 38 10.83 -25.88 -15.09
C ALA D 38 10.18 -26.61 -16.27
N MET D 39 10.83 -26.60 -17.44
CA MET D 39 10.27 -27.34 -18.58
C MET D 39 10.24 -28.83 -18.29
N HIS D 40 11.24 -29.30 -17.57
CA HIS D 40 11.35 -30.69 -17.28
C HIS D 40 10.29 -31.14 -16.28
N ALA D 41 10.18 -30.44 -15.14
CA ALA D 41 9.17 -30.78 -14.15
C ALA D 41 7.77 -30.71 -14.80
N THR D 42 7.57 -29.68 -15.60
CA THR D 42 6.30 -29.51 -16.31
C THR D 42 5.97 -30.72 -17.17
N MET D 43 7.01 -31.26 -17.84
CA MET D 43 6.80 -32.39 -18.73
C MET D 43 6.48 -33.65 -17.91
N LEU D 44 7.23 -33.91 -16.85
CA LEU D 44 7.10 -35.17 -16.10
C LEU D 44 5.73 -35.23 -15.45
N GLU D 45 5.35 -34.14 -14.80
CA GLU D 45 4.05 -34.02 -14.15
C GLU D 45 2.87 -34.18 -15.11
N ARG D 46 3.03 -33.75 -16.37
CA ARG D 46 1.96 -33.90 -17.38
C ARG D 46 2.01 -35.20 -18.21
N ASN D 47 2.89 -36.15 -17.85
CA ASN D 47 3.07 -37.38 -18.64
C ASN D 47 3.34 -37.12 -20.13
N GLY D 48 4.16 -36.11 -20.40
CA GLY D 48 4.66 -35.88 -21.73
C GLY D 48 5.94 -36.66 -21.90
N VAL D 49 6.18 -37.02 -23.14
CA VAL D 49 7.45 -37.63 -23.57
C VAL D 49 8.40 -36.59 -24.19
N GLY D 50 7.93 -35.36 -24.31
CA GLY D 50 8.78 -34.25 -24.77
C GLY D 50 8.10 -32.93 -24.48
N ILE D 51 8.83 -31.84 -24.72
CA ILE D 51 8.32 -30.50 -24.50
C ILE D 51 9.22 -29.49 -25.16
N ALA D 52 8.65 -28.32 -25.45
CA ALA D 52 9.31 -27.22 -26.16
C ALA D 52 8.94 -25.94 -25.47
N ALA D 53 9.88 -25.01 -25.42
CA ALA D 53 9.71 -23.80 -24.62
C ALA D 53 8.45 -23.00 -24.93
N PRO D 54 8.06 -22.89 -26.22
CA PRO D 54 6.83 -22.14 -26.57
C PRO D 54 5.54 -22.69 -25.97
N GLN D 55 5.49 -23.98 -25.67
CA GLN D 55 4.34 -24.58 -25.00
C GLN D 55 4.03 -23.95 -23.64
N VAL D 56 5.08 -23.46 -22.95
CA VAL D 56 4.97 -22.81 -21.67
C VAL D 56 5.27 -21.29 -21.76
N TYR D 57 4.95 -20.70 -22.89
CA TYR D 57 4.95 -19.24 -23.06
C TYR D 57 6.31 -18.60 -23.28
N ILE D 58 7.32 -19.41 -23.55
CA ILE D 58 8.71 -18.97 -23.65
C ILE D 58 9.13 -19.15 -25.12
N SER D 59 9.29 -18.07 -25.89
CA SER D 59 9.51 -18.20 -27.34
C SER D 59 11.00 -18.22 -27.62
N LYS D 60 11.63 -19.30 -27.12
CA LYS D 60 13.04 -19.58 -27.21
C LYS D 60 13.22 -21.03 -27.73
N ARG D 61 14.33 -21.26 -28.43
CA ARG D 61 14.62 -22.58 -29.00
C ARG D 61 15.24 -23.55 -28.00
N VAL D 62 14.41 -24.02 -27.07
CA VAL D 62 14.81 -25.08 -26.16
C VAL D 62 13.76 -26.20 -26.19
N ILE D 63 14.20 -27.44 -26.40
CA ILE D 63 13.32 -28.61 -26.33
C ILE D 63 13.91 -29.66 -25.40
N ILE D 64 13.02 -30.51 -24.86
CA ILE D 64 13.43 -31.68 -24.13
C ILE D 64 12.83 -32.88 -24.81
N VAL D 65 13.65 -33.92 -24.94
CA VAL D 65 13.24 -35.17 -25.58
C VAL D 65 13.43 -36.26 -24.55
N ALA D 66 12.32 -36.92 -24.17
CA ALA D 66 12.29 -37.78 -22.99
C ALA D 66 11.38 -38.99 -23.13
N SER D 67 11.59 -39.76 -24.17
CA SER D 67 10.77 -40.94 -24.41
C SER D 67 10.77 -41.88 -23.19
N ARG D 68 9.59 -42.33 -22.77
CA ARG D 68 9.42 -43.38 -21.76
C ARG D 68 7.99 -43.95 -21.75
N PRO D 69 7.81 -45.23 -21.33
CA PRO D 69 6.43 -45.76 -21.20
C PRO D 69 5.54 -44.92 -20.27
N ASN D 70 4.37 -44.54 -20.77
CA ASN D 70 3.46 -43.59 -20.10
C ASN D 70 1.98 -43.94 -20.29
N PRO D 71 1.10 -43.38 -19.42
CA PRO D 71 -0.35 -43.43 -19.66
C PRO D 71 -0.85 -42.41 -20.70
N PRO D 74 0.08 -44.59 -24.21
CA PRO D 74 1.41 -44.92 -24.70
C PRO D 74 2.02 -46.22 -24.16
N ASP D 75 2.98 -46.74 -24.91
CA ASP D 75 3.98 -47.67 -24.40
C ASP D 75 5.23 -47.51 -25.27
N ALA D 76 5.99 -46.46 -24.94
CA ALA D 76 7.15 -46.01 -25.70
C ALA D 76 8.47 -46.46 -25.06
N PRO D 77 9.53 -46.54 -25.87
CA PRO D 77 10.81 -46.95 -25.31
C PRO D 77 11.47 -45.88 -24.42
N GLU D 78 12.15 -46.33 -23.36
CA GLU D 78 12.79 -45.45 -22.41
C GLU D 78 14.15 -44.93 -22.90
N MET D 79 14.29 -43.62 -22.94
CA MET D 79 15.60 -43.00 -23.15
C MET D 79 15.94 -42.17 -21.93
N ASN D 80 17.21 -41.87 -21.75
CA ASN D 80 17.58 -40.77 -20.86
C ASN D 80 17.08 -39.50 -21.53
N ALA D 81 16.41 -38.65 -20.76
CA ALA D 81 15.94 -37.37 -21.24
C ALA D 81 17.12 -36.48 -21.70
N VAL D 82 16.93 -35.75 -22.79
CA VAL D 82 17.98 -34.87 -23.30
C VAL D 82 17.41 -33.49 -23.65
N VAL D 83 18.15 -32.50 -23.20
CA VAL D 83 17.73 -31.12 -23.30
C VAL D 83 18.58 -30.58 -24.42
N MET D 84 17.90 -29.97 -25.38
CA MET D 84 18.53 -29.41 -26.54
C MET D 84 18.28 -27.91 -26.62
N VAL D 85 19.35 -27.16 -26.82
CA VAL D 85 19.33 -25.73 -27.04
C VAL D 85 19.66 -25.47 -28.49
N ASN D 86 18.82 -24.68 -29.17
CA ASN D 86 18.98 -24.39 -30.58
C ASN D 86 19.19 -25.66 -31.43
N PRO D 87 18.29 -26.64 -31.29
CA PRO D 87 18.41 -27.85 -32.08
C PRO D 87 18.22 -27.56 -33.57
N GLU D 88 18.99 -28.27 -34.40
CA GLU D 88 18.92 -28.19 -35.86
C GLU D 88 19.05 -29.59 -36.42
N ILE D 89 18.04 -29.96 -37.21
CA ILE D 89 17.99 -31.24 -37.84
C ILE D 89 18.67 -31.06 -39.17
N LEU D 90 19.81 -31.72 -39.31
CA LEU D 90 20.67 -31.65 -40.49
C LEU D 90 20.38 -32.70 -41.55
N GLU D 91 19.65 -33.75 -41.17
CA GLU D 91 19.29 -34.81 -42.08
C GLU D 91 18.05 -35.53 -41.59
N PHE D 92 17.03 -35.58 -42.45
CA PHE D 92 15.89 -36.39 -42.24
C PHE D 92 16.10 -37.52 -43.19
N SER D 93 15.71 -38.74 -42.82
CA SER D 93 15.72 -39.88 -43.74
C SER D 93 14.47 -39.82 -44.66
N SER D 94 14.58 -40.33 -45.88
CA SER D 94 13.38 -40.49 -46.77
C SER D 94 12.43 -41.57 -46.25
N GLU D 95 12.99 -42.59 -45.60
CA GLU D 95 12.24 -43.66 -44.92
C GLU D 95 11.36 -43.02 -43.85
N MET D 96 10.11 -43.48 -43.80
CA MET D 96 9.07 -42.85 -43.02
C MET D 96 8.42 -43.87 -42.11
N CYS D 97 8.05 -43.43 -40.91
CA CYS D 97 7.25 -44.22 -39.97
C CYS D 97 5.96 -43.43 -39.71
N LEU D 98 4.87 -44.16 -39.50
CA LEU D 98 3.58 -43.57 -39.19
C LEU D 98 3.16 -44.07 -37.81
N GLY D 99 2.85 -43.15 -36.90
CA GLY D 99 2.41 -43.49 -35.54
C GLY D 99 1.36 -42.52 -35.01
N GLU D 100 0.69 -42.89 -33.92
CA GLU D 100 -0.20 -41.97 -33.24
C GLU D 100 0.64 -40.93 -32.52
N GLU D 101 0.19 -39.68 -32.55
CA GLU D 101 0.80 -38.60 -31.76
C GLU D 101 -0.27 -37.84 -30.98
N GLY D 102 0.06 -37.54 -29.73
CA GLY D 102 -0.65 -36.58 -28.92
C GLY D 102 0.25 -35.38 -28.71
N CYS D 103 -0.26 -34.39 -27.99
CA CYS D 103 0.50 -33.19 -27.67
C CYS D 103 -0.19 -32.53 -26.46
N LEU D 104 0.62 -32.07 -25.50
CA LEU D 104 0.11 -31.35 -24.33
C LEU D 104 -0.68 -30.09 -24.74
N SER D 105 -0.27 -29.48 -25.85
CA SER D 105 -0.99 -28.32 -26.38
C SER D 105 -2.25 -28.65 -27.20
N VAL D 106 -2.52 -29.92 -27.46
CA VAL D 106 -3.70 -30.34 -28.24
C VAL D 106 -4.48 -31.40 -27.44
N PRO D 107 -5.09 -30.99 -26.30
CA PRO D 107 -5.75 -31.94 -25.41
C PRO D 107 -7.06 -32.52 -25.96
N GLU D 109 -7.73 -34.66 -28.52
CA GLU D 109 -7.57 -34.91 -29.95
C GLU D 109 -6.21 -35.56 -30.29
N ARG D 110 -6.21 -36.82 -30.74
CA ARG D 110 -4.99 -37.52 -31.20
C ARG D 110 -5.05 -37.73 -32.72
N GLY D 111 -3.90 -38.07 -33.31
CA GLY D 111 -3.81 -38.29 -34.77
C GLY D 111 -2.60 -39.09 -35.24
N GLN D 112 -2.59 -39.40 -36.54
CA GLN D 112 -1.56 -40.24 -37.18
C GLN D 112 -0.59 -39.34 -37.99
N VAL D 113 0.72 -39.42 -37.71
CA VAL D 113 1.70 -38.53 -38.38
C VAL D 113 2.78 -39.30 -39.16
N GLU D 114 3.00 -38.85 -40.41
CA GLU D 114 4.15 -39.30 -41.21
C GLU D 114 5.40 -38.59 -40.62
N ARG D 115 6.41 -39.36 -40.23
CA ARG D 115 7.67 -38.80 -39.75
C ARG D 115 8.81 -39.57 -40.34
N ALA D 116 9.91 -38.88 -40.61
CA ALA D 116 11.20 -39.50 -40.92
C ALA D 116 11.58 -40.52 -39.83
N GLU D 117 12.00 -41.70 -40.20
CA GLU D 117 12.33 -42.70 -39.18
C GLU D 117 13.69 -42.36 -38.54
N MET D 118 14.54 -41.65 -39.26
CA MET D 118 15.84 -41.29 -38.74
C MET D 118 15.99 -39.79 -38.84
N VAL D 119 16.39 -39.15 -37.74
CA VAL D 119 16.94 -37.80 -37.84
C VAL D 119 18.28 -37.72 -37.18
N LYS D 120 19.06 -36.81 -37.72
CA LYS D 120 20.34 -36.46 -37.20
C LYS D 120 20.23 -35.02 -36.84
N VAL D 121 20.50 -34.73 -35.56
CA VAL D 121 20.31 -33.40 -34.97
C VAL D 121 21.59 -32.89 -34.30
N LYS D 122 21.86 -31.60 -34.55
CA LYS D 122 22.96 -30.88 -33.93
C LYS D 122 22.31 -29.90 -32.94
N TYR D 123 22.86 -29.80 -31.73
CA TYR D 123 22.32 -28.94 -30.72
C TYR D 123 23.40 -28.48 -29.75
N LEU D 124 23.02 -27.57 -28.86
CA LEU D 124 23.90 -27.12 -27.79
C LEU D 124 23.35 -27.68 -26.47
N THR D 125 24.26 -28.15 -25.60
CA THR D 125 23.91 -28.48 -24.23
C THR D 125 23.61 -27.16 -23.51
N LEU D 126 23.04 -27.28 -22.31
CA LEU D 126 22.75 -26.10 -21.50
C LEU D 126 23.99 -25.26 -21.21
N GLN D 127 25.14 -25.95 -21.12
CA GLN D 127 26.46 -25.36 -20.87
C GLN D 127 26.89 -24.55 -22.07
N GLY D 128 26.55 -25.06 -23.26
CA GLY D 128 26.92 -24.48 -24.55
C GLY D 128 27.81 -25.34 -25.45
N GLU D 129 27.84 -26.66 -25.24
CA GLU D 129 28.67 -27.55 -26.08
C GLU D 129 27.85 -28.13 -27.21
N MET D 130 28.42 -28.12 -28.41
CA MET D 130 27.76 -28.70 -29.57
C MET D 130 27.82 -30.24 -29.50
N VAL D 131 26.67 -30.86 -29.68
CA VAL D 131 26.51 -32.31 -29.79
C VAL D 131 25.70 -32.63 -31.06
N GLU D 132 26.13 -33.68 -31.76
CA GLU D 132 25.42 -34.22 -32.90
C GLU D 132 24.99 -35.65 -32.54
N THR D 133 23.70 -35.92 -32.65
CA THR D 133 23.19 -37.19 -32.23
C THR D 133 22.13 -37.66 -33.25
N VAL D 134 22.16 -38.95 -33.60
CA VAL D 134 21.18 -39.54 -34.49
C VAL D 134 20.13 -40.31 -33.67
N PHE D 135 18.88 -40.14 -34.08
CA PHE D 135 17.78 -40.85 -33.46
C PHE D 135 17.04 -41.63 -34.53
N GLN D 136 16.45 -42.75 -34.10
CA GLN D 136 15.64 -43.61 -34.94
C GLN D 136 14.29 -43.79 -34.22
N GLY D 137 13.21 -44.01 -34.97
CA GLY D 137 11.93 -44.44 -34.41
C GLY D 137 11.17 -43.40 -33.60
N PHE D 138 10.50 -43.83 -32.54
CA PHE D 138 9.71 -42.93 -31.74
C PHE D 138 10.47 -41.71 -31.12
N PRO D 139 11.69 -41.92 -30.59
CA PRO D 139 12.49 -40.75 -30.20
C PRO D 139 12.73 -39.78 -31.34
N ALA D 140 12.97 -40.30 -32.54
CA ALA D 140 13.09 -39.45 -33.71
C ALA D 140 11.78 -38.66 -34.01
N ARG D 141 10.62 -39.26 -33.78
CA ARG D 141 9.34 -38.55 -33.94
C ARG D 141 9.19 -37.44 -32.90
N ILE D 142 9.63 -37.71 -31.67
CA ILE D 142 9.61 -36.69 -30.63
C ILE D 142 10.50 -35.50 -31.07
N VAL D 143 11.73 -35.78 -31.51
CA VAL D 143 12.58 -34.69 -31.94
C VAL D 143 11.85 -33.82 -32.99
N GLN D 144 11.21 -34.46 -33.96
CA GLN D 144 10.62 -33.72 -35.09
C GLN D 144 9.39 -32.95 -34.65
N HIS D 145 8.64 -33.55 -33.73
CA HIS D 145 7.48 -32.94 -33.11
C HIS D 145 7.77 -31.63 -32.39
N GLU D 146 8.83 -31.63 -31.56
CA GLU D 146 9.18 -30.50 -30.70
C GLU D 146 9.83 -29.36 -31.50
N VAL D 147 10.70 -29.70 -32.47
CA VAL D 147 11.27 -28.75 -33.44
C VAL D 147 10.14 -28.08 -34.25
N ASP D 148 9.07 -28.83 -34.58
CA ASP D 148 7.87 -28.20 -35.17
C ASP D 148 7.33 -27.14 -34.21
N HIS D 149 7.24 -27.44 -32.91
CA HIS D 149 6.83 -26.41 -31.92
C HIS D 149 7.65 -25.13 -31.98
N LEU D 150 8.96 -25.28 -32.24
CA LEU D 150 9.86 -24.14 -32.34
C LEU D 150 9.67 -23.34 -33.60
N ASN D 151 9.03 -23.91 -34.62
CA ASN D 151 8.78 -23.23 -35.89
C ASN D 151 7.27 -22.99 -36.14
N GLY D 152 6.47 -23.06 -35.08
CA GLY D 152 5.07 -22.66 -35.15
C GLY D 152 4.15 -23.67 -35.78
N ILE D 153 4.52 -24.95 -35.65
CA ILE D 153 3.80 -26.03 -36.30
C ILE D 153 3.31 -26.99 -35.21
N LEU D 154 2.01 -27.19 -35.17
CA LEU D 154 1.40 -28.21 -34.30
C LEU D 154 1.15 -29.49 -35.08
N PHE D 155 1.17 -30.64 -34.40
CA PHE D 155 1.09 -31.95 -35.07
C PHE D 155 -0.18 -32.22 -35.91
N VAL D 156 -1.28 -31.54 -35.58
CA VAL D 156 -2.52 -31.64 -36.37
C VAL D 156 -2.35 -31.21 -37.82
N GLU D 157 -1.48 -30.22 -38.05
CA GLU D 157 -1.18 -29.69 -39.40
C GLU D 157 -0.49 -30.68 -40.36
N ARG D 158 -0.10 -31.84 -39.84
CA ARG D 158 0.40 -32.95 -40.67
C ARG D 158 -0.62 -34.09 -40.70
N MET E 1 10.41 0.87 -21.49
CA MET E 1 10.74 2.33 -21.66
C MET E 1 12.26 2.49 -21.72
N ALA E 2 12.77 2.84 -22.89
CA ALA E 2 14.20 2.99 -23.10
C ALA E 2 14.52 4.42 -22.77
N SER E 3 15.66 4.63 -22.10
CA SER E 3 16.14 5.99 -21.82
C SER E 3 17.21 6.40 -22.82
ZN ZN F . 3.17 9.47 14.25
ZN ZN G . -15.39 19.84 37.10
ZN ZN H . 8.52 -0.62 -24.51
ZN ZN I . 3.54 -31.16 -28.52
#